data_4FBX
#
_entry.id   4FBX
#
_cell.length_a   72.114
_cell.length_b   72.114
_cell.length_c   135.056
_cell.angle_alpha   90.00
_cell.angle_beta   90.00
_cell.angle_gamma   90.00
#
_symmetry.space_group_name_H-M   'P 43 21 2'
#
loop_
_entity.id
_entity.type
_entity.pdbx_description
1 polymer 'Casein kinase II subunit alpha'
2 polymer 'bisubstrate inhibitor'
3 non-polymer 'CHLORIDE ION'
4 water water
#
loop_
_entity_poly.entity_id
_entity_poly.type
_entity_poly.pdbx_seq_one_letter_code
_entity_poly.pdbx_strand_id
1 'polypeptide(L)'
;MSGPVPSRARVYTDVNTHRPREYWDYESHVVEWGNQDDYQLVRKLGRGKYSEVFEAINITNNEKVVVKILKPVKKKKIKR
EIKILENLRGGPNIITLADIVKDPVSRTPALVFEHVNNTDFKQLYQTLTDYDIRFYMYEILKALDYCHSMGIMHRDVKPH
NVMIDHEHRKLRLIDWGLAEFYHPGQEYNVRVASRYFKGPELLVDYQMYDYSLDMWSLGCMLASMIFRKEPFFHGHDNYD
QLVRIAKVLGTEDLYDYIDKYNIELDPRFNDILGRHSRKRWERFVHSENQHLVSPEALDFLDKLLRYDHQSRLTAREAME
HPYFYTVVKDQARMG
;
A
2 'polypeptide(L)' (0TJ)GDDDDD B
#
loop_
_chem_comp.id
_chem_comp.type
_chem_comp.name
_chem_comp.formula
0TJ non-polymer N-(6-oxohexyl)-2-(4,5,6,7-tetrabromo-1H-benzimidazol-1-yl)acetamide 'C15 H15 Br4 N3 O3'
CL non-polymer 'CHLORIDE ION' 'Cl -1'
#
# COMPACT_ATOMS: atom_id res chain seq x y z
N SER A 2 -24.76 -13.19 15.13
CA SER A 2 -25.51 -12.03 15.57
C SER A 2 -24.82 -10.74 15.09
N GLY A 3 -23.52 -10.64 15.39
CA GLY A 3 -22.73 -9.50 14.95
C GLY A 3 -22.09 -9.75 13.60
N PRO A 4 -20.99 -9.05 13.31
CA PRO A 4 -20.29 -9.22 12.04
C PRO A 4 -19.59 -10.58 11.95
N VAL A 5 -19.82 -11.30 10.86
CA VAL A 5 -19.20 -12.60 10.65
C VAL A 5 -17.68 -12.46 10.54
N PRO A 6 -16.93 -13.33 11.24
CA PRO A 6 -15.47 -13.30 11.21
C PRO A 6 -14.90 -13.58 9.82
N SER A 7 -13.68 -13.11 9.57
CA SER A 7 -13.01 -13.34 8.31
C SER A 7 -11.57 -13.78 8.57
N ARG A 8 -10.99 -14.49 7.61
CA ARG A 8 -9.60 -14.90 7.69
C ARG A 8 -8.91 -14.71 6.35
N ALA A 9 -7.61 -14.44 6.38
CA ALA A 9 -6.83 -14.29 5.16
C ALA A 9 -6.71 -15.63 4.42
N ARG A 10 -6.86 -15.59 3.09
CA ARG A 10 -6.74 -16.80 2.28
C ARG A 10 -5.33 -17.36 2.31
N VAL A 11 -4.34 -16.46 2.31
CA VAL A 11 -2.94 -16.88 2.35
C VAL A 11 -2.18 -16.18 3.48
N TYR A 12 -1.02 -16.74 3.83
CA TYR A 12 -0.15 -16.18 4.86
C TYR A 12 -0.88 -15.97 6.19
N THR A 13 -1.85 -16.83 6.47
CA THR A 13 -2.73 -16.64 7.61
C THR A 13 -2.03 -16.74 8.96
N ASP A 14 -1.15 -17.73 9.09
CA ASP A 14 -0.58 -18.08 10.39
C ASP A 14 0.90 -17.77 10.47
N VAL A 15 1.38 -16.95 9.53
CA VAL A 15 2.80 -16.61 9.43
C VAL A 15 3.37 -16.08 10.75
N ASN A 16 2.68 -15.13 11.36
CA ASN A 16 3.12 -14.56 12.63
C ASN A 16 3.00 -15.54 13.80
N THR A 17 2.01 -16.42 13.73
CA THR A 17 1.80 -17.42 14.77
C THR A 17 2.97 -18.40 14.81
N HIS A 18 3.49 -18.74 13.63
CA HIS A 18 4.61 -19.69 13.54
C HIS A 18 5.94 -19.02 13.86
N ARG A 19 5.95 -17.70 13.87
CA ARG A 19 7.14 -16.94 14.22
C ARG A 19 7.31 -16.94 15.73
N PRO A 20 8.55 -16.74 16.21
CA PRO A 20 8.74 -16.52 17.64
C PRO A 20 8.07 -15.22 18.07
N ARG A 21 7.73 -15.12 19.36
CA ARG A 21 6.97 -13.99 19.88
C ARG A 21 7.56 -12.63 19.54
N GLU A 22 8.87 -12.48 19.73
CA GLU A 22 9.52 -11.19 19.58
C GLU A 22 9.52 -10.66 18.15
N TYR A 23 9.18 -11.53 17.20
CA TYR A 23 9.10 -11.10 15.81
C TYR A 23 8.00 -10.06 15.58
N TRP A 24 6.81 -10.34 16.11
CA TRP A 24 5.64 -9.49 15.85
C TRP A 24 5.25 -8.63 17.06
N ASP A 25 5.82 -8.95 18.22
CA ASP A 25 5.50 -8.24 19.44
C ASP A 25 6.38 -7.01 19.60
N TYR A 26 6.02 -5.93 18.89
CA TYR A 26 6.84 -4.74 18.82
C TYR A 26 6.81 -3.88 20.08
N GLU A 27 5.76 -4.06 20.89
CA GLU A 27 5.63 -3.31 22.13
C GLU A 27 6.69 -3.74 23.14
N SER A 28 7.13 -4.98 23.05
CA SER A 28 8.14 -5.52 23.95
C SER A 28 9.54 -5.32 23.38
N HIS A 29 9.60 -4.92 22.11
CA HIS A 29 10.88 -4.71 21.45
C HIS A 29 11.59 -3.50 22.04
N VAL A 30 12.85 -3.67 22.39
CA VAL A 30 13.66 -2.57 22.89
C VAL A 30 14.43 -1.95 21.73
N VAL A 31 14.15 -0.68 21.47
CA VAL A 31 14.73 0.01 20.33
C VAL A 31 16.19 0.37 20.57
N GLU A 32 17.07 -0.17 19.74
CA GLU A 32 18.49 0.13 19.80
C GLU A 32 18.80 1.38 18.99
N TRP A 33 18.98 2.50 19.68
CA TRP A 33 19.20 3.79 19.01
C TRP A 33 20.65 4.01 18.60
N GLY A 34 20.82 4.61 17.43
CA GLY A 34 22.14 4.97 16.95
C GLY A 34 22.49 6.40 17.35
N ASN A 35 23.51 6.97 16.72
CA ASN A 35 23.92 8.33 17.01
C ASN A 35 23.56 9.30 15.89
N GLN A 36 22.78 10.32 16.22
CA GLN A 36 22.37 11.31 15.23
C GLN A 36 23.57 12.07 14.68
N ASP A 37 24.61 12.18 15.49
CA ASP A 37 25.83 12.89 15.10
C ASP A 37 26.54 12.24 13.92
N ASP A 38 26.23 10.98 13.65
CA ASP A 38 26.82 10.27 12.52
C ASP A 38 26.25 10.79 11.20
N TYR A 39 25.17 11.56 11.28
CA TYR A 39 24.49 12.01 10.08
C TYR A 39 24.31 13.53 10.03
N GLN A 40 24.62 14.10 8.87
CA GLN A 40 24.43 15.54 8.64
C GLN A 40 23.47 15.74 7.47
N LEU A 41 22.53 16.66 7.64
CA LEU A 41 21.52 16.92 6.61
C LEU A 41 22.10 17.79 5.50
N VAL A 42 21.84 17.39 4.26
CA VAL A 42 22.36 18.11 3.10
C VAL A 42 21.31 19.06 2.54
N ARG A 43 20.14 18.53 2.19
CA ARG A 43 19.07 19.35 1.63
C ARG A 43 17.71 18.70 1.85
N LYS A 44 16.66 19.52 1.83
CA LYS A 44 15.31 19.04 2.07
C LYS A 44 14.73 18.42 0.80
N LEU A 45 13.99 17.33 0.94
CA LEU A 45 13.36 16.66 -0.19
C LEU A 45 11.85 16.85 -0.16
N GLY A 46 11.22 16.37 0.90
CA GLY A 46 9.78 16.46 1.04
C GLY A 46 9.35 17.04 2.37
N ARG A 47 8.04 17.28 2.50
CA ARG A 47 7.49 17.91 3.70
C ARG A 47 5.98 17.69 3.74
N GLY A 48 5.48 17.15 4.84
CA GLY A 48 4.06 16.90 4.97
C GLY A 48 3.55 16.98 6.39
N LYS A 49 2.42 16.31 6.64
CA LYS A 49 1.81 16.27 7.96
C LYS A 49 2.39 15.09 8.74
N TYR A 50 3.08 14.20 8.04
CA TYR A 50 3.60 12.98 8.65
C TYR A 50 5.12 12.99 8.83
N SER A 51 5.83 13.80 8.06
CA SER A 51 7.29 13.79 8.11
C SER A 51 8.01 14.97 7.45
N GLU A 52 9.29 15.10 7.77
CA GLU A 52 10.21 16.00 7.10
C GLU A 52 11.33 15.14 6.54
N VAL A 53 11.52 15.19 5.23
CA VAL A 53 12.48 14.28 4.57
C VAL A 53 13.70 15.03 4.04
N PHE A 54 14.88 14.47 4.31
CA PHE A 54 16.11 15.14 3.94
C PHE A 54 17.11 14.21 3.24
N GLU A 55 17.81 14.77 2.26
CA GLU A 55 19.02 14.16 1.75
C GLU A 55 20.05 14.36 2.86
N ALA A 56 20.84 13.32 3.14
CA ALA A 56 21.82 13.43 4.21
C ALA A 56 23.07 12.60 3.94
N ILE A 57 24.11 12.84 4.74
CA ILE A 57 25.36 12.12 4.58
C ILE A 57 25.74 11.41 5.88
N ASN A 58 26.24 10.18 5.75
CA ASN A 58 26.76 9.44 6.88
C ASN A 58 28.26 9.70 6.95
N ILE A 59 28.68 10.53 7.89
CA ILE A 59 30.07 10.98 7.96
C ILE A 59 31.06 9.87 8.32
N THR A 60 30.56 8.77 8.85
CA THR A 60 31.42 7.65 9.23
C THR A 60 31.94 6.89 8.01
N ASN A 61 31.14 6.84 6.95
CA ASN A 61 31.53 6.14 5.73
C ASN A 61 31.30 6.96 4.46
N ASN A 62 30.90 8.21 4.62
CA ASN A 62 30.62 9.11 3.50
C ASN A 62 29.58 8.58 2.50
N GLU A 63 28.58 7.88 3.02
CA GLU A 63 27.50 7.34 2.19
C GLU A 63 26.28 8.26 2.20
N LYS A 64 25.67 8.45 1.03
CA LYS A 64 24.45 9.23 0.92
C LYS A 64 23.28 8.45 1.48
N VAL A 65 22.53 9.07 2.39
CA VAL A 65 21.34 8.43 2.97
C VAL A 65 20.15 9.39 2.97
N VAL A 66 19.00 8.87 3.39
CA VAL A 66 17.78 9.66 3.49
C VAL A 66 17.29 9.66 4.93
N VAL A 67 16.99 10.84 5.46
CA VAL A 67 16.54 10.97 6.83
C VAL A 67 15.08 11.45 6.89
N LYS A 68 14.27 10.75 7.68
CA LYS A 68 12.87 11.13 7.85
C LYS A 68 12.57 11.49 9.30
N ILE A 69 12.37 12.79 9.56
CA ILE A 69 12.04 13.25 10.90
C ILE A 69 10.58 12.91 11.21
N LEU A 70 10.37 12.08 12.22
CA LEU A 70 9.02 11.59 12.53
C LEU A 70 8.19 12.59 13.32
N LYS A 71 6.98 12.83 12.85
CA LYS A 71 6.01 13.63 13.59
C LYS A 71 5.65 12.90 14.88
N PRO A 72 5.40 13.65 15.96
CA PRO A 72 5.12 13.08 17.28
C PRO A 72 3.90 12.15 17.29
N VAL A 73 4.13 10.87 17.05
CA VAL A 73 3.10 9.87 17.27
C VAL A 73 3.46 9.10 18.54
N LYS A 74 2.53 8.27 19.03
CA LYS A 74 2.79 7.49 20.22
C LYS A 74 3.97 6.56 20.01
N LYS A 75 4.73 6.32 21.09
CA LYS A 75 5.91 5.46 21.04
C LYS A 75 5.58 4.08 20.47
N LYS A 76 4.35 3.63 20.72
CA LYS A 76 3.89 2.35 20.21
C LYS A 76 3.90 2.31 18.68
N LYS A 77 3.54 3.43 18.05
CA LYS A 77 3.55 3.52 16.60
C LYS A 77 4.99 3.57 16.06
N ILE A 78 5.87 4.21 16.82
CA ILE A 78 7.28 4.30 16.47
C ILE A 78 7.92 2.92 16.45
N LYS A 79 7.71 2.17 17.52
CA LYS A 79 8.30 0.85 17.67
C LYS A 79 7.77 -0.11 16.61
N ARG A 80 6.51 0.07 16.24
CA ARG A 80 5.86 -0.78 15.26
C ARG A 80 6.48 -0.61 13.88
N GLU A 81 6.64 0.64 13.46
CA GLU A 81 7.25 0.92 12.16
C GLU A 81 8.69 0.43 12.10
N ILE A 82 9.42 0.64 13.18
CA ILE A 82 10.82 0.23 13.24
C ILE A 82 10.95 -1.29 13.19
N LYS A 83 10.16 -1.97 13.99
CA LYS A 83 10.18 -3.44 14.04
C LYS A 83 9.80 -4.03 12.69
N ILE A 84 8.81 -3.42 12.04
CA ILE A 84 8.36 -3.89 10.74
C ILE A 84 9.44 -3.69 9.68
N LEU A 85 10.06 -2.50 9.69
CA LEU A 85 11.14 -2.19 8.76
C LEU A 85 12.34 -3.11 8.93
N GLU A 86 12.65 -3.46 10.17
CA GLU A 86 13.77 -4.36 10.43
C GLU A 86 13.45 -5.79 10.00
N ASN A 87 12.20 -6.21 10.17
CA ASN A 87 11.77 -7.53 9.74
C ASN A 87 11.77 -7.66 8.22
N LEU A 88 11.45 -6.57 7.54
CA LEU A 88 11.35 -6.56 6.09
C LEU A 88 12.67 -6.18 5.42
N ARG A 89 13.61 -5.68 6.21
CA ARG A 89 14.90 -5.25 5.71
C ARG A 89 15.59 -6.33 4.87
N GLY A 90 16.03 -5.96 3.67
CA GLY A 90 16.67 -6.91 2.78
C GLY A 90 15.69 -7.48 1.76
N GLY A 91 14.40 -7.34 2.04
CA GLY A 91 13.37 -7.85 1.15
C GLY A 91 13.31 -7.11 -0.17
N PRO A 92 12.78 -7.79 -1.20
CA PRO A 92 12.69 -7.25 -2.56
C PRO A 92 11.81 -6.00 -2.66
N ASN A 93 12.38 -4.93 -3.22
CA ASN A 93 11.66 -3.68 -3.45
C ASN A 93 11.13 -2.99 -2.18
N ILE A 94 11.69 -3.36 -1.03
CA ILE A 94 11.34 -2.73 0.22
C ILE A 94 12.40 -1.69 0.58
N ILE A 95 11.97 -0.56 1.09
CA ILE A 95 12.90 0.47 1.56
C ILE A 95 13.79 -0.13 2.65
N THR A 96 15.05 0.29 2.70
CA THR A 96 16.02 -0.29 3.63
C THR A 96 16.36 0.64 4.77
N LEU A 97 15.89 0.32 5.97
CA LEU A 97 16.20 1.11 7.15
C LEU A 97 17.65 0.91 7.54
N ALA A 98 18.44 1.97 7.42
CA ALA A 98 19.86 1.90 7.74
C ALA A 98 20.11 2.10 9.23
N ASP A 99 19.37 3.02 9.83
CA ASP A 99 19.61 3.38 11.22
C ASP A 99 18.41 4.09 11.83
N ILE A 100 18.46 4.27 13.15
CA ILE A 100 17.44 5.01 13.89
C ILE A 100 18.11 5.93 14.91
N VAL A 101 17.73 7.20 14.92
CA VAL A 101 18.38 8.18 15.78
C VAL A 101 17.37 9.10 16.45
N LYS A 102 17.75 9.65 17.60
CA LYS A 102 16.97 10.68 18.26
C LYS A 102 17.79 11.95 18.41
N ASP A 103 17.14 13.09 18.32
CA ASP A 103 17.84 14.37 18.50
C ASP A 103 18.36 14.47 19.93
N PRO A 104 19.63 14.87 20.08
CA PRO A 104 20.26 15.02 21.40
C PRO A 104 19.49 15.98 22.30
N VAL A 105 18.81 16.95 21.69
CA VAL A 105 18.10 17.97 22.46
C VAL A 105 16.59 17.76 22.45
N SER A 106 15.99 17.82 21.26
CA SER A 106 14.54 17.76 21.13
C SER A 106 13.97 16.35 21.28
N ARG A 107 14.85 15.36 21.35
CA ARG A 107 14.47 13.95 21.52
C ARG A 107 13.65 13.39 20.35
N THR A 108 13.49 14.18 19.30
CA THR A 108 12.65 13.79 18.15
C THR A 108 13.29 12.68 17.33
N PRO A 109 12.59 11.54 17.21
CA PRO A 109 13.07 10.37 16.47
C PRO A 109 13.22 10.64 14.97
N ALA A 110 14.19 9.99 14.35
CA ALA A 110 14.38 10.11 12.91
C ALA A 110 14.78 8.76 12.33
N LEU A 111 14.18 8.43 11.19
CA LEU A 111 14.53 7.21 10.48
C LEU A 111 15.57 7.50 9.40
N VAL A 112 16.58 6.65 9.32
CA VAL A 112 17.62 6.78 8.30
C VAL A 112 17.55 5.62 7.33
N PHE A 113 17.23 5.91 6.08
CA PHE A 113 17.14 4.88 5.05
C PHE A 113 18.33 4.94 4.11
N GLU A 114 18.64 3.83 3.45
CA GLU A 114 19.63 3.83 2.40
C GLU A 114 19.11 4.66 1.24
N HIS A 115 20.01 5.23 0.45
CA HIS A 115 19.61 6.22 -0.55
C HIS A 115 18.68 5.71 -1.65
N VAL A 116 17.67 6.52 -1.94
CA VAL A 116 16.78 6.31 -3.08
C VAL A 116 16.63 7.66 -3.77
N ASN A 117 16.31 7.66 -5.06
CA ASN A 117 16.09 8.91 -5.78
C ASN A 117 14.71 9.51 -5.54
N ASN A 118 14.66 10.83 -5.37
CA ASN A 118 13.43 11.53 -5.03
C ASN A 118 12.45 11.65 -6.20
N THR A 119 11.91 10.53 -6.64
CA THR A 119 10.91 10.53 -7.70
C THR A 119 9.90 9.40 -7.48
N ASP A 120 8.70 9.76 -7.06
CA ASP A 120 7.67 8.76 -6.80
C ASP A 120 6.89 8.37 -8.05
N PHE A 121 6.03 7.37 -7.91
CA PHE A 121 5.28 6.82 -9.03
C PHE A 121 4.34 7.86 -9.64
N LYS A 122 3.74 8.68 -8.78
CA LYS A 122 2.72 9.65 -9.23
C LYS A 122 3.27 10.71 -10.18
N GLN A 123 4.51 11.13 -9.97
CA GLN A 123 5.12 12.13 -10.85
C GLN A 123 5.50 11.52 -12.19
N LEU A 124 5.41 10.19 -12.27
CA LEU A 124 5.93 9.48 -13.43
C LEU A 124 4.88 8.60 -14.11
N TYR A 125 3.87 8.15 -13.36
CA TYR A 125 2.96 7.12 -13.87
C TYR A 125 1.93 7.58 -14.92
N GLN A 126 2.28 8.64 -15.64
CA GLN A 126 1.50 9.10 -16.78
C GLN A 126 2.46 9.44 -17.92
N THR A 127 3.71 9.03 -17.75
CA THR A 127 4.78 9.42 -18.67
C THR A 127 5.37 8.23 -19.43
N LEU A 128 5.20 7.03 -18.88
CA LEU A 128 5.83 5.84 -19.44
C LEU A 128 4.87 4.93 -20.21
N THR A 129 5.43 3.92 -20.86
CA THR A 129 4.67 3.08 -21.80
C THR A 129 3.82 2.01 -21.11
N ASP A 130 3.09 1.26 -21.94
CA ASP A 130 2.27 0.16 -21.47
C ASP A 130 3.11 -0.90 -20.76
N TYR A 131 4.25 -1.24 -21.36
CA TYR A 131 5.15 -2.23 -20.78
C TYR A 131 5.73 -1.75 -19.44
N ASP A 132 6.01 -0.46 -19.33
CA ASP A 132 6.52 0.11 -18.09
C ASP A 132 5.51 0.05 -16.96
N ILE A 133 4.24 0.28 -17.28
CA ILE A 133 3.17 0.16 -16.30
C ILE A 133 3.15 -1.26 -15.76
N ARG A 134 3.12 -2.23 -16.68
CA ARG A 134 3.14 -3.63 -16.33
C ARG A 134 4.38 -3.98 -15.50
N PHE A 135 5.53 -3.48 -15.96
CA PHE A 135 6.80 -3.76 -15.31
C PHE A 135 6.82 -3.30 -13.85
N TYR A 136 6.46 -2.04 -13.63
CA TYR A 136 6.50 -1.46 -12.29
C TYR A 136 5.40 -2.02 -11.40
N MET A 137 4.25 -2.30 -11.99
CA MET A 137 3.18 -2.98 -11.26
C MET A 137 3.66 -4.31 -10.71
N TYR A 138 4.49 -5.01 -11.50
CA TYR A 138 5.04 -6.29 -11.08
C TYR A 138 6.05 -6.11 -9.95
N GLU A 139 6.84 -5.04 -10.03
CA GLU A 139 7.80 -4.74 -8.97
C GLU A 139 7.10 -4.45 -7.66
N ILE A 140 5.97 -3.75 -7.72
CA ILE A 140 5.16 -3.49 -6.54
C ILE A 140 4.64 -4.78 -5.94
N LEU A 141 4.23 -5.70 -6.80
CA LEU A 141 3.72 -6.99 -6.36
C LEU A 141 4.78 -7.81 -5.64
N LYS A 142 6.03 -7.72 -6.10
CA LYS A 142 7.15 -8.38 -5.44
C LYS A 142 7.23 -7.93 -3.98
N ALA A 143 7.12 -6.64 -3.76
CA ALA A 143 7.17 -6.07 -2.43
C ALA A 143 5.94 -6.48 -1.62
N LEU A 144 4.78 -6.45 -2.25
CA LEU A 144 3.54 -6.78 -1.55
C LEU A 144 3.50 -8.26 -1.18
N ASP A 145 3.92 -9.13 -2.10
CA ASP A 145 3.96 -10.56 -1.80
C ASP A 145 4.97 -10.85 -0.70
N TYR A 146 6.08 -10.13 -0.70
CA TYR A 146 7.11 -10.33 0.32
C TYR A 146 6.62 -9.93 1.70
N CYS A 147 6.15 -8.69 1.85
CA CYS A 147 5.74 -8.24 3.18
C CYS A 147 4.54 -9.03 3.70
N HIS A 148 3.62 -9.38 2.81
CA HIS A 148 2.50 -10.24 3.19
C HIS A 148 3.00 -11.60 3.69
N SER A 149 3.97 -12.18 3.00
CA SER A 149 4.53 -13.46 3.40
C SER A 149 5.27 -13.37 4.73
N MET A 150 5.67 -12.15 5.08
CA MET A 150 6.30 -11.89 6.37
C MET A 150 5.26 -11.44 7.39
N GLY A 151 3.99 -11.61 7.04
CA GLY A 151 2.89 -11.34 7.96
C GLY A 151 2.59 -9.87 8.19
N ILE A 152 2.82 -9.05 7.18
CA ILE A 152 2.69 -7.60 7.34
C ILE A 152 1.81 -6.96 6.27
N MET A 153 0.84 -6.17 6.71
CA MET A 153 -0.02 -5.39 5.82
C MET A 153 0.54 -3.98 5.72
N HIS A 154 0.65 -3.44 4.51
CA HIS A 154 1.16 -2.09 4.33
C HIS A 154 0.12 -1.04 4.72
N ARG A 155 -1.10 -1.20 4.21
CA ARG A 155 -2.26 -0.37 4.56
C ARG A 155 -2.20 1.10 4.11
N ASP A 156 -1.24 1.41 3.25
CA ASP A 156 -1.15 2.77 2.72
C ASP A 156 -0.55 2.73 1.31
N VAL A 157 -0.99 1.78 0.51
CA VAL A 157 -0.53 1.66 -0.85
C VAL A 157 -1.12 2.77 -1.71
N LYS A 158 -0.24 3.51 -2.38
CA LYS A 158 -0.61 4.61 -3.26
C LYS A 158 0.65 5.05 -3.98
N PRO A 159 0.51 5.70 -5.16
CA PRO A 159 1.68 6.01 -5.98
C PRO A 159 2.69 6.94 -5.29
N HIS A 160 2.23 7.71 -4.31
CA HIS A 160 3.11 8.61 -3.57
C HIS A 160 4.06 7.82 -2.66
N ASN A 161 3.64 6.62 -2.29
CA ASN A 161 4.45 5.75 -1.44
C ASN A 161 5.23 4.72 -2.25
N VAL A 162 5.45 5.01 -3.52
CA VAL A 162 6.24 4.15 -4.39
C VAL A 162 7.32 4.98 -5.08
N MET A 163 8.56 4.86 -4.62
CA MET A 163 9.67 5.58 -5.21
C MET A 163 10.26 4.81 -6.38
N ILE A 164 10.48 5.48 -7.50
CA ILE A 164 11.03 4.85 -8.68
C ILE A 164 12.27 5.56 -9.20
N ASP A 165 13.38 4.83 -9.24
CA ASP A 165 14.57 5.31 -9.92
C ASP A 165 14.47 4.76 -11.35
N HIS A 166 13.80 5.52 -12.22
CA HIS A 166 13.50 5.04 -13.56
C HIS A 166 14.76 4.81 -14.39
N GLU A 167 15.82 5.53 -14.04
CA GLU A 167 17.11 5.38 -14.72
C GLU A 167 17.60 3.94 -14.62
N HIS A 168 17.57 3.39 -13.41
CA HIS A 168 18.06 2.04 -13.18
C HIS A 168 16.91 1.05 -13.01
N ARG A 169 15.70 1.53 -13.28
CA ARG A 169 14.48 0.72 -13.17
C ARG A 169 14.34 0.06 -11.79
N LYS A 170 14.72 0.80 -10.75
CA LYS A 170 14.55 0.35 -9.38
C LYS A 170 13.27 0.92 -8.78
N LEU A 171 12.58 0.09 -8.01
CA LEU A 171 11.35 0.51 -7.36
C LEU A 171 11.44 0.21 -5.87
N ARG A 172 10.93 1.13 -5.05
CA ARG A 172 10.91 0.92 -3.61
C ARG A 172 9.55 1.30 -3.01
N LEU A 173 8.97 0.38 -2.25
CA LEU A 173 7.76 0.67 -1.51
C LEU A 173 8.16 1.28 -0.17
N ILE A 174 7.61 2.45 0.13
CA ILE A 174 8.02 3.23 1.30
C ILE A 174 6.85 3.61 2.18
N ASP A 175 7.17 4.38 3.23
CA ASP A 175 6.20 4.85 4.22
C ASP A 175 5.45 3.71 4.89
N TRP A 176 6.12 3.05 5.82
CA TRP A 176 5.53 1.91 6.52
C TRP A 176 4.98 2.32 7.87
N GLY A 177 4.64 3.61 7.99
CA GLY A 177 4.12 4.15 9.23
C GLY A 177 2.73 3.66 9.58
N LEU A 178 1.99 3.19 8.57
CA LEU A 178 0.64 2.68 8.80
C LEU A 178 0.61 1.15 8.84
N ALA A 179 1.72 0.53 8.47
CA ALA A 179 1.78 -0.93 8.41
C ALA A 179 1.47 -1.60 9.75
N GLU A 180 1.03 -2.85 9.69
CA GLU A 180 0.69 -3.60 10.90
C GLU A 180 0.87 -5.08 10.63
N PHE A 181 1.08 -5.86 11.69
CA PHE A 181 1.20 -7.31 11.58
C PHE A 181 -0.19 -7.91 11.49
N TYR A 182 -0.35 -8.89 10.60
CA TYR A 182 -1.63 -9.61 10.53
C TYR A 182 -1.71 -10.76 11.51
N HIS A 183 -2.76 -10.77 12.31
CA HIS A 183 -3.05 -11.86 13.23
C HIS A 183 -4.49 -12.28 13.05
N PRO A 184 -4.73 -13.58 12.80
CA PRO A 184 -6.07 -14.13 12.59
C PRO A 184 -7.04 -13.74 13.69
N GLY A 185 -8.16 -13.12 13.31
CA GLY A 185 -9.21 -12.80 14.27
C GLY A 185 -9.04 -11.44 14.92
N GLN A 186 -7.91 -10.79 14.67
CA GLN A 186 -7.67 -9.47 15.25
C GLN A 186 -8.44 -8.41 14.48
N GLU A 187 -9.08 -7.50 15.21
CA GLU A 187 -9.83 -6.43 14.61
C GLU A 187 -8.96 -5.18 14.51
N TYR A 188 -8.90 -4.62 13.31
CA TYR A 188 -7.99 -3.52 13.05
C TYR A 188 -8.70 -2.19 12.84
N ASN A 189 -7.94 -1.11 13.00
CA ASN A 189 -8.44 0.24 12.79
C ASN A 189 -8.75 0.48 11.32
N VAL A 190 -9.95 1.00 11.05
CA VAL A 190 -10.38 1.26 9.68
C VAL A 190 -9.91 2.63 9.18
N ARG A 191 -9.37 3.45 10.08
CA ARG A 191 -8.83 4.75 9.68
C ARG A 191 -7.38 4.59 9.22
N VAL A 192 -7.19 3.91 8.10
CA VAL A 192 -5.89 3.78 7.47
C VAL A 192 -6.03 4.12 6.00
N ALA A 193 -4.89 4.28 5.32
CA ALA A 193 -4.84 4.63 3.89
C ALA A 193 -5.48 5.98 3.56
N SER A 194 -5.18 6.49 2.37
CA SER A 194 -5.81 7.71 1.89
C SER A 194 -7.19 7.38 1.32
N ARG A 195 -8.11 8.33 1.40
CA ARG A 195 -9.51 8.13 0.99
C ARG A 195 -9.66 7.43 -0.36
N TYR A 196 -8.95 7.94 -1.35
CA TYR A 196 -9.07 7.45 -2.72
C TYR A 196 -8.66 5.99 -2.85
N PHE A 197 -7.88 5.49 -1.89
CA PHE A 197 -7.34 4.14 -1.97
C PHE A 197 -7.88 3.24 -0.88
N LYS A 198 -8.83 3.73 -0.10
CA LYS A 198 -9.47 2.92 0.93
C LYS A 198 -10.30 1.82 0.28
N GLY A 199 -10.15 0.60 0.79
CA GLY A 199 -10.97 -0.51 0.34
C GLY A 199 -12.35 -0.42 0.96
N PRO A 200 -13.34 -1.08 0.33
CA PRO A 200 -14.73 -1.15 0.80
C PRO A 200 -14.83 -1.55 2.26
N GLU A 201 -13.94 -2.43 2.71
CA GLU A 201 -13.95 -2.90 4.10
C GLU A 201 -13.77 -1.74 5.10
N LEU A 202 -12.91 -0.79 4.77
CA LEU A 202 -12.67 0.35 5.63
C LEU A 202 -13.88 1.30 5.62
N LEU A 203 -14.52 1.41 4.47
CA LEU A 203 -15.61 2.36 4.29
C LEU A 203 -16.92 1.89 4.92
N VAL A 204 -17.02 0.58 5.15
CA VAL A 204 -18.21 0.01 5.79
C VAL A 204 -17.92 -0.38 7.24
N ASP A 205 -16.74 0.01 7.71
CA ASP A 205 -16.30 -0.26 9.08
C ASP A 205 -16.23 -1.75 9.43
N TYR A 206 -15.72 -2.55 8.50
CA TYR A 206 -15.43 -3.95 8.79
C TYR A 206 -13.98 -4.09 9.20
N GLN A 207 -13.76 -4.52 10.45
CA GLN A 207 -12.43 -4.42 11.05
C GLN A 207 -11.54 -5.65 10.87
N MET A 208 -12.14 -6.82 10.63
CA MET A 208 -11.33 -8.03 10.54
C MET A 208 -10.76 -8.24 9.15
N TYR A 209 -10.06 -7.23 8.65
CA TYR A 209 -9.48 -7.30 7.31
C TYR A 209 -8.07 -7.88 7.34
N ASP A 210 -7.43 -7.93 6.17
CA ASP A 210 -6.12 -8.58 6.06
C ASP A 210 -5.29 -8.00 4.92
N TYR A 211 -4.38 -8.80 4.39
CA TYR A 211 -3.47 -8.38 3.33
C TYR A 211 -4.20 -7.88 2.09
N SER A 212 -5.39 -8.42 1.85
CA SER A 212 -6.14 -8.13 0.64
C SER A 212 -6.51 -6.65 0.52
N LEU A 213 -6.45 -5.94 1.64
CA LEU A 213 -6.65 -4.50 1.65
C LEU A 213 -5.67 -3.80 0.71
N ASP A 214 -4.42 -4.26 0.72
CA ASP A 214 -3.38 -3.68 -0.13
C ASP A 214 -3.68 -3.93 -1.61
N MET A 215 -4.38 -5.03 -1.89
CA MET A 215 -4.68 -5.41 -3.26
C MET A 215 -5.72 -4.49 -3.88
N TRP A 216 -6.68 -4.05 -3.07
CA TRP A 216 -7.67 -3.08 -3.53
C TRP A 216 -6.96 -1.77 -3.85
N SER A 217 -6.11 -1.32 -2.94
CA SER A 217 -5.35 -0.10 -3.14
C SER A 217 -4.57 -0.17 -4.45
N LEU A 218 -3.96 -1.33 -4.69
CA LEU A 218 -3.21 -1.56 -5.92
C LEU A 218 -4.11 -1.46 -7.15
N GLY A 219 -5.33 -1.97 -7.03
CA GLY A 219 -6.29 -1.88 -8.12
C GLY A 219 -6.62 -0.44 -8.45
N CYS A 220 -6.79 0.39 -7.42
CA CYS A 220 -7.07 1.80 -7.61
C CYS A 220 -5.92 2.49 -8.35
N MET A 221 -4.69 2.14 -7.98
CA MET A 221 -3.51 2.67 -8.65
C MET A 221 -3.52 2.29 -10.12
N LEU A 222 -3.75 1.00 -10.39
CA LEU A 222 -3.74 0.51 -11.75
C LEU A 222 -4.84 1.16 -12.58
N ALA A 223 -6.03 1.27 -11.99
CA ALA A 223 -7.17 1.89 -12.67
C ALA A 223 -6.86 3.32 -13.08
N SER A 224 -6.22 4.08 -12.19
CA SER A 224 -5.91 5.47 -12.48
C SER A 224 -4.92 5.61 -13.63
N MET A 225 -3.96 4.70 -13.69
CA MET A 225 -2.92 4.75 -14.72
C MET A 225 -3.44 4.42 -16.11
N ILE A 226 -4.00 3.21 -16.27
CA ILE A 226 -4.44 2.74 -17.58
C ILE A 226 -5.65 3.53 -18.11
N PHE A 227 -6.36 4.22 -17.22
CA PHE A 227 -7.50 5.02 -17.63
C PHE A 227 -7.18 6.50 -17.65
N ARG A 228 -5.98 6.85 -17.18
CA ARG A 228 -5.54 8.24 -17.09
C ARG A 228 -6.54 9.09 -16.30
N LYS A 229 -6.94 8.58 -15.14
CA LYS A 229 -7.88 9.29 -14.27
C LYS A 229 -7.43 9.20 -12.82
N GLU A 230 -6.80 10.26 -12.33
CA GLU A 230 -6.38 10.27 -10.93
C GLU A 230 -7.12 11.31 -10.08
N PRO A 231 -7.77 10.86 -9.00
CA PRO A 231 -7.88 9.44 -8.63
C PRO A 231 -8.98 8.77 -9.44
N PHE A 232 -9.02 7.44 -9.47
CA PHE A 232 -10.05 6.74 -10.23
C PHE A 232 -11.37 6.81 -9.49
N PHE A 233 -11.34 6.56 -8.18
CA PHE A 233 -12.50 6.74 -7.34
C PHE A 233 -12.34 8.04 -6.56
N HIS A 234 -13.01 9.10 -7.02
CA HIS A 234 -12.80 10.44 -6.50
C HIS A 234 -13.90 10.89 -5.53
N GLY A 235 -13.99 10.24 -4.38
CA GLY A 235 -14.97 10.61 -3.37
C GLY A 235 -14.59 11.93 -2.71
N HIS A 236 -15.59 12.78 -2.49
CA HIS A 236 -15.34 14.07 -1.85
C HIS A 236 -15.45 13.99 -0.33
N ASP A 237 -16.10 12.93 0.15
CA ASP A 237 -16.01 12.56 1.56
C ASP A 237 -16.09 11.04 1.71
N ASN A 238 -16.07 10.56 2.95
CA ASN A 238 -16.06 9.13 3.23
C ASN A 238 -17.24 8.37 2.62
N TYR A 239 -18.44 8.93 2.75
CA TYR A 239 -19.62 8.32 2.16
C TYR A 239 -19.55 8.32 0.64
N ASP A 240 -19.07 9.42 0.08
CA ASP A 240 -19.04 9.61 -1.36
C ASP A 240 -18.07 8.64 -2.03
N GLN A 241 -17.02 8.27 -1.31
CA GLN A 241 -16.02 7.35 -1.82
C GLN A 241 -16.66 6.01 -2.17
N LEU A 242 -17.49 5.51 -1.25
CA LEU A 242 -18.20 4.26 -1.49
C LEU A 242 -19.24 4.45 -2.60
N VAL A 243 -19.81 5.65 -2.68
CA VAL A 243 -20.76 5.97 -3.75
C VAL A 243 -20.07 5.92 -5.12
N ARG A 244 -18.88 6.51 -5.22
CA ARG A 244 -18.12 6.51 -6.46
C ARG A 244 -17.76 5.09 -6.89
N ILE A 245 -17.45 4.24 -5.92
CA ILE A 245 -17.14 2.84 -6.19
C ILE A 245 -18.40 2.09 -6.64
N ALA A 246 -19.50 2.33 -5.95
CA ALA A 246 -20.77 1.69 -6.29
C ALA A 246 -21.24 2.08 -7.68
N LYS A 247 -20.97 3.32 -8.08
CA LYS A 247 -21.32 3.81 -9.41
C LYS A 247 -20.54 3.08 -10.51
N VAL A 248 -19.51 2.33 -10.12
CA VAL A 248 -18.70 1.59 -11.08
C VAL A 248 -18.94 0.08 -11.00
N LEU A 249 -18.83 -0.47 -9.79
CA LEU A 249 -18.98 -1.90 -9.58
C LEU A 249 -20.43 -2.32 -9.39
N GLY A 250 -21.31 -1.34 -9.20
CA GLY A 250 -22.72 -1.62 -9.02
C GLY A 250 -23.08 -1.86 -7.57
N THR A 251 -24.36 -1.70 -7.24
CA THR A 251 -24.83 -1.84 -5.86
C THR A 251 -25.14 -3.28 -5.48
N GLU A 252 -25.38 -4.13 -6.47
CA GLU A 252 -25.75 -5.52 -6.19
C GLU A 252 -24.65 -6.28 -5.46
N ASP A 253 -23.43 -6.21 -5.99
CA ASP A 253 -22.30 -6.90 -5.38
C ASP A 253 -21.93 -6.30 -4.03
N LEU A 254 -22.22 -5.02 -3.85
CA LEU A 254 -21.94 -4.34 -2.59
C LEU A 254 -22.87 -4.84 -1.47
N TYR A 255 -24.16 -4.92 -1.76
CA TYR A 255 -25.14 -5.40 -0.79
C TYR A 255 -24.94 -6.88 -0.47
N ASP A 256 -24.56 -7.66 -1.47
CA ASP A 256 -24.25 -9.06 -1.26
C ASP A 256 -23.04 -9.19 -0.32
N TYR A 257 -22.03 -8.37 -0.58
CA TYR A 257 -20.83 -8.34 0.24
C TYR A 257 -21.16 -7.96 1.69
N ILE A 258 -21.99 -6.94 1.85
CA ILE A 258 -22.41 -6.49 3.18
C ILE A 258 -23.18 -7.57 3.93
N ASP A 259 -24.09 -8.24 3.24
CA ASP A 259 -24.86 -9.33 3.84
C ASP A 259 -23.98 -10.53 4.18
N LYS A 260 -22.98 -10.79 3.34
CA LYS A 260 -22.12 -11.95 3.51
C LYS A 260 -21.39 -11.93 4.85
N TYR A 261 -20.99 -10.75 5.29
CA TYR A 261 -20.26 -10.62 6.54
C TYR A 261 -21.13 -10.01 7.63
N ASN A 262 -22.44 -9.96 7.38
CA ASN A 262 -23.42 -9.44 8.34
C ASN A 262 -23.05 -8.04 8.81
N ILE A 263 -22.64 -7.19 7.88
CA ILE A 263 -22.19 -5.85 8.19
C ILE A 263 -23.37 -4.90 8.40
N GLU A 264 -23.30 -4.08 9.44
CA GLU A 264 -24.37 -3.15 9.75
C GLU A 264 -24.03 -1.73 9.31
N LEU A 265 -24.67 -1.26 8.25
CA LEU A 265 -24.51 0.11 7.80
C LEU A 265 -25.51 1.03 8.47
N ASP A 266 -25.15 2.31 8.59
CA ASP A 266 -26.09 3.33 9.03
C ASP A 266 -27.25 3.33 8.04
N PRO A 267 -28.49 3.37 8.54
CA PRO A 267 -29.68 3.30 7.71
C PRO A 267 -29.69 4.32 6.58
N ARG A 268 -29.18 5.52 6.84
CA ARG A 268 -29.14 6.57 5.82
C ARG A 268 -28.13 6.26 4.72
N PHE A 269 -27.12 5.46 5.04
CA PHE A 269 -26.09 5.10 4.08
C PHE A 269 -26.68 4.26 2.95
N ASN A 270 -27.68 3.44 3.27
CA ASN A 270 -28.34 2.61 2.27
C ASN A 270 -29.09 3.43 1.22
N ASP A 271 -29.79 4.46 1.67
CA ASP A 271 -30.53 5.33 0.76
C ASP A 271 -29.58 6.18 -0.06
N ILE A 272 -28.47 6.58 0.54
CA ILE A 272 -27.43 7.34 -0.15
C ILE A 272 -26.84 6.51 -1.28
N LEU A 273 -26.56 5.24 -1.01
CA LEU A 273 -25.99 4.36 -2.02
C LEU A 273 -26.99 4.09 -3.14
N GLY A 274 -28.27 4.01 -2.78
CA GLY A 274 -29.32 3.79 -3.75
C GLY A 274 -29.13 2.51 -4.55
N ARG A 275 -29.39 2.60 -5.85
CA ARG A 275 -29.22 1.46 -6.73
C ARG A 275 -28.44 1.84 -7.98
N HIS A 276 -27.34 1.14 -8.23
CA HIS A 276 -26.51 1.38 -9.39
C HIS A 276 -26.11 0.06 -10.04
N SER A 277 -26.08 0.05 -11.37
CA SER A 277 -25.69 -1.13 -12.12
C SER A 277 -24.18 -1.13 -12.36
N ARG A 278 -23.58 -2.32 -12.35
CA ARG A 278 -22.16 -2.46 -12.62
C ARG A 278 -21.79 -1.88 -13.98
N LYS A 279 -20.71 -1.10 -14.02
CA LYS A 279 -20.24 -0.54 -15.28
C LYS A 279 -19.11 -1.37 -15.87
N ARG A 280 -19.17 -1.58 -17.18
CA ARG A 280 -18.13 -2.30 -17.89
C ARG A 280 -16.86 -1.46 -17.93
N TRP A 281 -15.72 -2.11 -17.77
CA TRP A 281 -14.44 -1.40 -17.72
C TRP A 281 -14.12 -0.64 -19.00
N GLU A 282 -14.71 -1.09 -20.11
CA GLU A 282 -14.48 -0.45 -21.41
C GLU A 282 -15.04 0.96 -21.47
N ARG A 283 -15.96 1.28 -20.57
CA ARG A 283 -16.61 2.58 -20.58
C ARG A 283 -15.67 3.71 -20.15
N PHE A 284 -14.58 3.34 -19.49
CA PHE A 284 -13.62 4.32 -18.99
C PHE A 284 -12.46 4.51 -19.97
N VAL A 285 -12.52 3.79 -21.09
CA VAL A 285 -11.47 3.85 -22.10
C VAL A 285 -11.76 4.92 -23.14
N HIS A 286 -10.79 5.81 -23.37
CA HIS A 286 -10.90 6.79 -24.42
C HIS A 286 -9.64 6.84 -25.28
N SER A 287 -9.68 7.60 -26.36
CA SER A 287 -8.60 7.59 -27.35
C SER A 287 -7.27 8.14 -26.83
N GLU A 288 -7.28 8.71 -25.63
CA GLU A 288 -6.06 9.29 -25.07
C GLU A 288 -5.47 8.44 -23.94
N ASN A 289 -5.96 7.21 -23.80
CA ASN A 289 -5.42 6.29 -22.81
C ASN A 289 -5.41 4.84 -23.27
N GLN A 290 -6.06 4.59 -24.41
CA GLN A 290 -6.30 3.23 -24.88
C GLN A 290 -5.04 2.45 -25.24
N HIS A 291 -3.91 3.16 -25.33
CA HIS A 291 -2.64 2.50 -25.62
C HIS A 291 -2.13 1.77 -24.38
N LEU A 292 -2.71 2.08 -23.23
CA LEU A 292 -2.35 1.44 -21.98
C LEU A 292 -3.37 0.37 -21.61
N VAL A 293 -4.40 0.24 -22.45
CA VAL A 293 -5.48 -0.70 -22.19
C VAL A 293 -5.32 -1.96 -23.03
N SER A 294 -5.58 -3.10 -22.39
CA SER A 294 -5.57 -4.39 -23.06
C SER A 294 -6.60 -5.27 -22.39
N PRO A 295 -7.03 -6.35 -23.07
CA PRO A 295 -7.96 -7.30 -22.45
C PRO A 295 -7.38 -7.91 -21.16
N GLU A 296 -6.06 -8.10 -21.13
CA GLU A 296 -5.40 -8.64 -19.94
C GLU A 296 -5.53 -7.67 -18.78
N ALA A 297 -5.26 -6.39 -19.08
CA ALA A 297 -5.32 -5.33 -18.09
C ALA A 297 -6.70 -5.27 -17.45
N LEU A 298 -7.73 -5.23 -18.29
CA LEU A 298 -9.10 -5.11 -17.82
C LEU A 298 -9.52 -6.29 -16.95
N ASP A 299 -9.09 -7.48 -17.33
CA ASP A 299 -9.41 -8.68 -16.57
C ASP A 299 -8.65 -8.70 -15.25
N PHE A 300 -7.40 -8.25 -15.28
CA PHE A 300 -6.58 -8.16 -14.09
C PHE A 300 -7.17 -7.16 -13.11
N LEU A 301 -7.53 -5.99 -13.63
CA LEU A 301 -8.14 -4.94 -12.81
C LEU A 301 -9.45 -5.45 -12.21
N ASP A 302 -10.24 -6.14 -13.02
CA ASP A 302 -11.52 -6.70 -12.57
C ASP A 302 -11.32 -7.69 -11.43
N LYS A 303 -10.16 -8.35 -11.41
CA LYS A 303 -9.90 -9.36 -10.39
C LYS A 303 -9.27 -8.77 -9.12
N LEU A 304 -8.91 -7.49 -9.17
CA LEU A 304 -8.40 -6.80 -7.99
C LEU A 304 -9.51 -6.03 -7.30
N LEU A 305 -10.27 -5.28 -8.09
CA LEU A 305 -11.32 -4.42 -7.55
C LEU A 305 -12.62 -5.19 -7.30
N ARG A 306 -12.60 -6.02 -6.25
CA ARG A 306 -13.79 -6.73 -5.79
C ARG A 306 -14.17 -6.20 -4.41
N TYR A 307 -15.47 -6.09 -4.14
CA TYR A 307 -15.94 -5.71 -2.82
C TYR A 307 -15.45 -6.72 -1.79
N ASP A 308 -15.66 -7.99 -2.07
CA ASP A 308 -15.26 -9.06 -1.17
C ASP A 308 -13.74 -9.16 -1.13
N HIS A 309 -13.17 -8.84 0.02
CA HIS A 309 -11.73 -8.88 0.20
C HIS A 309 -11.16 -10.28 -0.02
N GLN A 310 -11.96 -11.30 0.28
CA GLN A 310 -11.51 -12.68 0.11
C GLN A 310 -11.49 -13.11 -1.35
N SER A 311 -12.18 -12.35 -2.20
CA SER A 311 -12.28 -12.69 -3.62
C SER A 311 -11.18 -12.06 -4.46
N ARG A 312 -10.54 -11.03 -3.92
CA ARG A 312 -9.47 -10.33 -4.62
C ARG A 312 -8.26 -11.25 -4.79
N LEU A 313 -7.53 -11.06 -5.88
CA LEU A 313 -6.31 -11.83 -6.12
C LEU A 313 -5.31 -11.59 -4.99
N THR A 314 -4.64 -12.64 -4.57
CA THR A 314 -3.49 -12.50 -3.70
C THR A 314 -2.38 -11.90 -4.56
N ALA A 315 -1.34 -11.39 -3.92
CA ALA A 315 -0.21 -10.82 -4.65
C ALA A 315 0.39 -11.84 -5.62
N ARG A 316 0.55 -13.08 -5.15
CA ARG A 316 1.14 -14.14 -5.95
C ARG A 316 0.29 -14.50 -7.16
N GLU A 317 -1.02 -14.62 -6.96
CA GLU A 317 -1.94 -14.90 -8.06
C GLU A 317 -1.87 -13.79 -9.11
N ALA A 318 -1.76 -12.56 -8.64
CA ALA A 318 -1.65 -11.41 -9.51
C ALA A 318 -0.37 -11.49 -10.35
N MET A 319 0.72 -11.93 -9.72
CA MET A 319 2.01 -12.00 -10.39
C MET A 319 2.02 -12.97 -11.57
N GLU A 320 1.18 -13.99 -11.52
CA GLU A 320 1.12 -14.94 -12.63
C GLU A 320 -0.14 -14.80 -13.48
N HIS A 321 -0.75 -13.61 -13.41
CA HIS A 321 -1.85 -13.26 -14.29
C HIS A 321 -1.27 -12.95 -15.68
N PRO A 322 -2.00 -13.31 -16.74
CA PRO A 322 -1.55 -13.07 -18.12
C PRO A 322 -1.09 -11.63 -18.40
N TYR A 323 -1.57 -10.68 -17.61
CA TYR A 323 -1.18 -9.28 -17.72
C TYR A 323 0.34 -9.10 -17.63
N PHE A 324 1.00 -9.96 -16.86
CA PHE A 324 2.45 -9.86 -16.66
C PHE A 324 3.23 -10.93 -17.43
N TYR A 325 2.55 -11.65 -18.31
CA TYR A 325 3.15 -12.77 -19.04
C TYR A 325 4.48 -12.42 -19.70
N THR A 326 4.47 -11.40 -20.55
CA THR A 326 5.68 -11.01 -21.26
C THR A 326 6.71 -10.37 -20.32
N VAL A 327 6.23 -9.60 -19.34
CA VAL A 327 7.10 -9.01 -18.34
C VAL A 327 7.90 -10.08 -17.61
N VAL A 328 7.21 -11.13 -17.18
CA VAL A 328 7.85 -12.24 -16.49
C VAL A 328 8.87 -12.93 -17.40
N LYS A 329 8.46 -13.19 -18.64
CA LYS A 329 9.35 -13.79 -19.64
C LYS A 329 10.60 -12.95 -19.87
N ASP A 330 10.40 -11.65 -20.03
CA ASP A 330 11.52 -10.75 -20.30
C ASP A 330 12.41 -10.57 -19.07
N GLN A 331 11.82 -10.60 -17.89
CA GLN A 331 12.58 -10.49 -16.65
C GLN A 331 13.42 -11.73 -16.40
N ALA A 332 13.03 -12.85 -17.01
CA ALA A 332 13.76 -14.10 -16.84
C ALA A 332 15.16 -14.03 -17.44
N ARG A 333 15.44 -12.93 -18.15
CA ARG A 333 16.78 -12.63 -18.65
C ARG A 333 17.19 -11.22 -18.24
N MET A 334 16.97 -10.90 -16.97
CA MET A 334 17.32 -9.59 -16.43
C MET A 334 18.84 -9.38 -16.39
BR1 0TJ B 1 14.29 9.25 -1.69
CAM 0TJ B 1 12.77 9.32 -0.46
CAK 0TJ B 1 12.64 8.39 0.57
BR2 0TJ B 1 13.96 7.00 0.83
CAL 0TJ B 1 11.53 8.47 1.43
BR3 0TJ B 1 11.35 7.18 2.87
CAN 0TJ B 1 10.56 9.47 1.27
BR4 0TJ B 1 9.07 9.47 2.53
CAP 0TJ B 1 10.68 10.41 0.22
CAO 0TJ B 1 11.78 10.33 -0.64
NAI 0TJ B 1 11.68 11.35 -1.56
CAG 0TJ B 1 10.55 12.04 -1.29
N 0TJ B 1 9.93 11.50 -0.21
CA 0TJ B 1 8.67 11.98 0.35
C 0TJ B 1 7.49 11.33 -0.29
O 0TJ B 1 7.23 11.58 -1.46
NAA 0TJ B 1 6.68 10.41 0.43
CL CL C . -1.01 -11.56 -0.69
CL CL D . -4.85 -1.36 13.74
CL CL E . 0.70 -6.74 18.92
CL CL F . -0.75 9.22 -4.06
CL CL G . -15.15 9.00 -9.47
#